data_9JH1
#
_entry.id   9JH1
#
_cell.length_a   1.00
_cell.length_b   1.00
_cell.length_c   1.00
_cell.angle_alpha   90.00
_cell.angle_beta   90.00
_cell.angle_gamma   90.00
#
_symmetry.space_group_name_H-M   'P 1'
#
loop_
_entity.id
_entity.type
_entity.pdbx_description
1 polymer 'Potassium channel subfamily K member 13'
2 non-polymer '(2S)-3-(hexadecanoyloxy)-2-[(9Z)-octadec-9-enoyloxy]propyl 2-(trimethylammonio)ethyl phosphate'
3 non-polymer 'LINOLEIC ACID'
4 non-polymer 'POTASSIUM ION'
#
_entity_poly.entity_id   1
_entity_poly.type   'polypeptide(L)'
_entity_poly.pdbx_seq_one_letter_code
;ARFLLLAALIVLYLLGGAAVFSALELAHERQAKQRWEERLANFSRGHNLSRDELRGFLRHYEEATRAGIRVDNVRPRWDF
TGAFYFVGTVVSTIGFGMTTPATVGGKIFLIFYGLVGCPSTILFFNLFLERLITIIAYIMKSCHQRQLRRRGALPQESLK
DAGQCEVDSLAGWKPSVYYVMLILCTASILISCCASAMYTPIEGWSYFDSLYFCFVAFSTIGFGDLVSSQNAHYESQGLY
RFANFVFILMGVCCIYSLFNVISILIKQSLNWILRKMDSGCCP
;
_entity_poly.pdbx_strand_id   A,B
#
# COMPACT_ATOMS: atom_id res chain seq x y z
N ALA A 1 -5.20 19.79 -23.62
CA ALA A 1 -5.82 18.49 -23.44
C ALA A 1 -4.75 17.42 -23.27
N ARG A 2 -4.25 16.88 -24.40
CA ARG A 2 -3.17 15.92 -24.43
C ARG A 2 -3.45 14.71 -23.54
N PHE A 3 -2.40 13.98 -23.17
CA PHE A 3 -2.54 12.93 -22.16
C PHE A 3 -3.01 13.52 -20.83
N LEU A 4 -2.91 14.84 -20.70
CA LEU A 4 -2.93 15.47 -19.39
C LEU A 4 -4.34 15.58 -18.83
N LEU A 5 -5.30 15.92 -19.69
CA LEU A 5 -6.68 16.12 -19.30
C LEU A 5 -7.43 14.79 -19.17
N LEU A 6 -6.71 13.68 -19.11
CA LEU A 6 -7.35 12.41 -18.83
C LEU A 6 -7.98 12.39 -17.45
N ALA A 7 -7.63 13.35 -16.59
CA ALA A 7 -8.18 13.40 -15.24
C ALA A 7 -9.70 13.54 -15.25
N ALA A 8 -10.27 14.11 -16.32
CA ALA A 8 -11.73 14.17 -16.41
C ALA A 8 -12.33 12.77 -16.45
N LEU A 9 -11.85 11.93 -17.37
CA LEU A 9 -12.29 10.54 -17.41
C LEU A 9 -11.92 9.81 -16.13
N ILE A 10 -10.79 10.15 -15.52
CA ILE A 10 -10.41 9.51 -14.27
C ILE A 10 -11.42 9.80 -13.18
N VAL A 11 -11.77 11.07 -12.97
CA VAL A 11 -12.73 11.42 -11.92
C VAL A 11 -14.09 10.83 -12.22
N LEU A 12 -14.53 10.89 -13.48
CA LEU A 12 -15.77 10.23 -13.86
C LEU A 12 -15.71 8.74 -13.57
N TYR A 13 -14.52 8.15 -13.68
CA TYR A 13 -14.36 6.70 -13.57
C TYR A 13 -14.38 6.27 -12.10
N LEU A 14 -13.73 7.01 -11.21
CA LEU A 14 -13.95 6.76 -9.78
C LEU A 14 -15.39 7.04 -9.37
N LEU A 15 -16.03 8.06 -9.95
CA LEU A 15 -17.43 8.32 -9.63
C LEU A 15 -18.31 7.13 -9.99
N GLY A 16 -18.18 6.63 -11.21
CA GLY A 16 -18.97 5.49 -11.64
C GLY A 16 -18.66 4.24 -10.83
N GLY A 17 -17.37 3.99 -10.56
CA GLY A 17 -17.01 2.83 -9.77
C GLY A 17 -17.56 2.90 -8.36
N ALA A 18 -17.52 4.08 -7.74
CA ALA A 18 -18.11 4.26 -6.42
C ALA A 18 -19.60 4.00 -6.46
N ALA A 19 -20.28 4.51 -7.49
CA ALA A 19 -21.72 4.28 -7.61
C ALA A 19 -22.04 2.79 -7.70
N VAL A 20 -21.38 2.07 -8.60
CA VAL A 20 -21.72 0.66 -8.78
C VAL A 20 -21.34 -0.15 -7.54
N PHE A 21 -20.20 0.20 -6.92
CA PHE A 21 -19.84 -0.43 -5.65
C PHE A 21 -20.95 -0.25 -4.64
N SER A 22 -21.46 0.98 -4.48
CA SER A 22 -22.49 1.23 -3.49
C SER A 22 -23.76 0.44 -3.80
N ALA A 23 -24.22 0.49 -5.05
CA ALA A 23 -25.45 -0.19 -5.41
C ALA A 23 -25.33 -1.71 -5.24
N LEU A 24 -24.12 -2.24 -5.35
CA LEU A 24 -24.04 -3.69 -5.45
C LEU A 24 -24.09 -4.40 -4.09
N GLU A 25 -23.77 -3.72 -2.98
CA GLU A 25 -23.88 -4.40 -1.68
C GLU A 25 -24.06 -3.50 -0.46
N LEU A 26 -24.57 -2.26 -0.65
CA LEU A 26 -25.14 -1.54 0.49
C LEU A 26 -26.09 -2.40 1.32
N ALA A 27 -26.78 -3.35 0.68
CA ALA A 27 -27.64 -4.27 1.40
C ALA A 27 -26.83 -5.10 2.39
N HIS A 28 -25.70 -5.65 1.95
CA HIS A 28 -24.82 -6.42 2.81
C HIS A 28 -24.34 -5.57 3.98
N GLU A 29 -23.96 -4.32 3.70
CA GLU A 29 -23.48 -3.50 4.79
C GLU A 29 -24.58 -3.18 5.80
N ARG A 30 -25.78 -2.80 5.34
CA ARG A 30 -26.88 -2.58 6.27
C ARG A 30 -27.17 -3.81 7.10
N GLN A 31 -27.18 -4.99 6.47
CA GLN A 31 -27.47 -6.21 7.20
C GLN A 31 -26.41 -6.47 8.27
N ALA A 32 -25.14 -6.26 7.91
CA ALA A 32 -24.06 -6.46 8.87
C ALA A 32 -24.20 -5.53 10.08
N LYS A 33 -24.45 -4.25 9.82
CA LYS A 33 -24.59 -3.29 10.92
C LYS A 33 -25.80 -3.63 11.79
N GLN A 34 -26.93 -3.97 11.16
CA GLN A 34 -28.14 -4.29 11.92
C GLN A 34 -27.91 -5.50 12.82
N ARG A 35 -27.36 -6.58 12.27
CA ARG A 35 -27.15 -7.80 13.04
C ARG A 35 -26.08 -7.60 14.11
N TRP A 36 -25.10 -6.73 13.85
CA TRP A 36 -24.06 -6.44 14.84
C TRP A 36 -24.67 -5.70 16.03
N GLU A 37 -25.49 -4.67 15.76
CA GLU A 37 -26.19 -3.95 16.82
C GLU A 37 -27.13 -4.88 17.58
N GLU A 38 -27.76 -5.81 16.86
CA GLU A 38 -28.69 -6.71 17.51
C GLU A 38 -27.97 -7.60 18.52
N ARG A 39 -26.80 -8.16 18.14
CA ARG A 39 -26.12 -8.96 19.15
C ARG A 39 -25.53 -8.06 20.22
N LEU A 40 -25.28 -6.79 19.90
CA LEU A 40 -24.79 -5.89 20.94
C LEU A 40 -25.81 -5.79 22.06
N ALA A 41 -27.07 -5.58 21.66
CA ALA A 41 -28.17 -5.59 22.61
C ALA A 41 -28.24 -6.92 23.33
N ASN A 42 -28.13 -8.02 22.59
CA ASN A 42 -28.22 -9.36 23.20
C ASN A 42 -27.13 -9.60 24.24
N PHE A 43 -25.89 -9.24 23.91
CA PHE A 43 -24.74 -9.51 24.75
C PHE A 43 -24.76 -8.62 25.99
N SER A 44 -25.19 -7.37 25.83
CA SER A 44 -25.34 -6.49 26.98
C SER A 44 -26.45 -7.00 27.89
N ARG A 45 -27.50 -7.56 27.30
CA ARG A 45 -28.64 -8.08 28.05
C ARG A 45 -28.28 -9.33 28.85
N GLY A 46 -27.59 -10.27 28.23
CA GLY A 46 -27.31 -11.55 28.85
C GLY A 46 -26.12 -11.55 29.78
N HIS A 47 -25.55 -10.37 30.02
CA HIS A 47 -24.39 -10.25 30.91
C HIS A 47 -24.54 -9.07 31.85
N ASN A 48 -25.65 -8.33 31.73
CA ASN A 48 -25.95 -7.18 32.57
C ASN A 48 -24.80 -6.17 32.56
N LEU A 49 -24.37 -5.82 31.35
CA LEU A 49 -23.18 -5.01 31.15
C LEU A 49 -23.55 -3.71 30.42
N SER A 50 -23.16 -2.58 31.01
CA SER A 50 -23.62 -1.28 30.56
C SER A 50 -22.92 -0.88 29.25
N ARG A 51 -23.43 0.20 28.65
CA ARG A 51 -22.92 0.68 27.37
C ARG A 51 -21.61 1.43 27.48
N ASP A 52 -21.39 2.16 28.57
CA ASP A 52 -20.12 2.87 28.75
C ASP A 52 -18.97 1.89 29.00
N GLU A 53 -19.25 0.80 29.71
CA GLU A 53 -18.23 -0.22 29.92
C GLU A 53 -17.79 -0.82 28.60
N LEU A 54 -18.76 -1.15 27.73
CA LEU A 54 -18.43 -1.62 26.39
C LEU A 54 -17.69 -0.55 25.60
N ARG A 55 -18.12 0.70 25.70
CA ARG A 55 -17.44 1.82 25.06
C ARG A 55 -15.95 1.79 25.36
N GLY A 56 -15.62 1.87 26.65
CA GLY A 56 -14.21 1.90 27.04
C GLY A 56 -13.47 0.62 26.68
N PHE A 57 -14.09 -0.54 26.97
CA PHE A 57 -13.42 -1.81 26.73
C PHE A 57 -13.12 -2.01 25.26
N LEU A 58 -14.07 -1.73 24.38
CA LEU A 58 -13.84 -1.89 22.95
C LEU A 58 -12.90 -0.85 22.39
N ARG A 59 -13.00 0.41 22.84
CA ARG A 59 -12.02 1.41 22.43
C ARG A 59 -10.60 0.96 22.74
N HIS A 60 -10.35 0.51 23.96
CA HIS A 60 -8.96 0.29 24.34
C HIS A 60 -8.51 -1.10 23.91
N TYR A 61 -9.46 -2.01 23.69
CA TYR A 61 -9.14 -3.22 22.93
C TYR A 61 -8.69 -2.91 21.52
N GLU A 62 -9.33 -1.93 20.88
CA GLU A 62 -8.84 -1.49 19.57
C GLU A 62 -7.45 -0.88 19.70
N GLU A 63 -7.19 -0.13 20.78
CA GLU A 63 -5.84 0.36 21.02
C GLU A 63 -4.84 -0.79 21.06
N ALA A 64 -5.15 -1.83 21.84
CA ALA A 64 -4.22 -2.94 22.00
C ALA A 64 -4.08 -3.76 20.72
N THR A 65 -5.14 -3.85 19.91
CA THR A 65 -5.02 -4.51 18.61
C THR A 65 -4.16 -3.67 17.67
N ARG A 66 -4.24 -2.35 17.80
CA ARG A 66 -3.30 -1.48 17.11
C ARG A 66 -1.88 -1.78 17.56
N ALA A 67 -1.72 -2.24 18.81
CA ALA A 67 -0.43 -2.72 19.28
C ALA A 67 -0.15 -4.12 18.77
N GLY A 68 -1.13 -4.77 18.13
CA GLY A 68 -0.87 -6.06 17.53
C GLY A 68 -1.24 -7.28 18.35
N ILE A 69 -2.53 -7.46 18.66
CA ILE A 69 -2.96 -8.63 19.43
C ILE A 69 -4.03 -9.42 18.67
N ARG A 70 -3.88 -9.57 17.35
CA ARG A 70 -4.81 -10.37 16.54
C ARG A 70 -5.41 -11.52 17.35
N VAL A 71 -6.73 -11.60 17.41
CA VAL A 71 -7.44 -12.29 18.49
C VAL A 71 -7.09 -13.77 18.52
N ASP A 72 -6.92 -14.38 17.36
CA ASP A 72 -6.49 -15.78 17.32
C ASP A 72 -5.02 -15.88 17.70
N ASN A 73 -4.63 -17.07 18.16
CA ASN A 73 -3.24 -17.29 18.55
C ASN A 73 -2.34 -17.04 17.36
N VAL A 74 -1.60 -15.94 17.39
CA VAL A 74 -0.77 -15.52 16.28
C VAL A 74 0.68 -15.52 16.71
N ARG A 75 1.57 -15.31 15.76
CA ARG A 75 2.99 -15.16 16.03
C ARG A 75 3.18 -13.94 16.93
N PRO A 76 4.29 -13.83 17.65
CA PRO A 76 4.66 -12.51 18.16
C PRO A 76 4.77 -11.56 16.97
N ARG A 77 3.88 -10.56 16.95
CA ARG A 77 3.73 -9.65 15.82
C ARG A 77 5.07 -9.21 15.23
N TRP A 78 6.11 -9.23 16.05
CA TRP A 78 7.32 -8.51 15.72
C TRP A 78 8.48 -9.17 16.50
N ASP A 79 9.38 -9.82 15.77
CA ASP A 79 10.61 -10.35 16.35
C ASP A 79 11.69 -10.23 15.28
N PHE A 80 12.75 -11.05 15.34
CA PHE A 80 13.65 -11.13 14.19
C PHE A 80 12.85 -11.47 12.93
N THR A 81 12.08 -12.55 12.98
CA THR A 81 11.19 -12.87 11.87
C THR A 81 10.05 -11.86 11.76
N GLY A 82 9.52 -11.40 12.91
CA GLY A 82 8.43 -10.44 12.88
C GLY A 82 8.85 -9.11 12.30
N ALA A 83 9.98 -8.57 12.74
CA ALA A 83 10.47 -7.32 12.16
C ALA A 83 10.91 -7.54 10.72
N PHE A 84 11.38 -8.74 10.39
CA PHE A 84 11.70 -9.02 8.99
C PHE A 84 10.46 -8.93 8.12
N TYR A 85 9.35 -9.52 8.56
CA TYR A 85 8.11 -9.45 7.78
C TYR A 85 7.56 -8.02 7.74
N PHE A 86 7.65 -7.32 8.87
CA PHE A 86 7.22 -5.92 8.92
C PHE A 86 7.99 -5.09 7.89
N VAL A 87 9.31 -5.18 7.90
CA VAL A 87 10.11 -4.40 6.97
C VAL A 87 9.88 -4.83 5.53
N GLY A 88 9.69 -6.14 5.29
CA GLY A 88 9.39 -6.60 3.94
C GLY A 88 8.08 -6.02 3.44
N THR A 89 7.10 -5.89 4.33
CA THR A 89 5.88 -5.17 3.98
C THR A 89 6.18 -3.70 3.69
N VAL A 90 7.08 -3.09 4.47
CA VAL A 90 7.35 -1.66 4.33
C VAL A 90 8.04 -1.38 2.99
N VAL A 91 9.16 -2.04 2.73
CA VAL A 91 9.99 -1.65 1.60
C VAL A 91 9.26 -1.90 0.27
N SER A 92 8.45 -2.95 0.22
CA SER A 92 7.64 -3.23 -0.96
C SER A 92 6.41 -2.35 -1.05
N THR A 93 6.20 -1.46 -0.08
CA THR A 93 5.07 -0.53 -0.04
C THR A 93 3.72 -1.23 -0.04
N ILE A 94 3.67 -2.48 0.44
CA ILE A 94 2.39 -3.16 0.56
C ILE A 94 1.54 -2.53 1.66
N GLY A 95 2.14 -2.29 2.83
CA GLY A 95 1.44 -1.67 3.93
C GLY A 95 0.27 -2.48 4.43
N PHE A 96 0.53 -3.71 4.88
CA PHE A 96 -0.55 -4.55 5.39
C PHE A 96 -1.19 -3.94 6.62
N GLY A 97 -0.41 -3.27 7.45
CA GLY A 97 -0.94 -2.65 8.65
C GLY A 97 -1.02 -3.55 9.86
N MET A 98 -0.65 -4.83 9.72
CA MET A 98 -0.67 -5.74 10.86
C MET A 98 0.39 -5.40 11.89
N THR A 99 1.46 -4.71 11.49
CA THR A 99 2.54 -4.33 12.38
C THR A 99 2.89 -2.86 12.12
N THR A 100 2.71 -2.03 13.14
CA THR A 100 3.02 -0.61 13.04
C THR A 100 3.84 -0.18 14.25
N PRO A 101 4.79 0.73 14.08
CA PRO A 101 5.58 1.20 15.21
C PRO A 101 4.74 1.95 16.22
N ALA A 102 5.17 1.91 17.48
CA ALA A 102 4.47 2.59 18.56
C ALA A 102 5.25 3.73 19.20
N THR A 103 6.57 3.67 19.25
CA THR A 103 7.35 4.74 19.84
C THR A 103 7.70 5.80 18.80
N VAL A 104 7.86 7.03 19.27
CA VAL A 104 8.19 8.15 18.37
C VAL A 104 9.55 7.93 17.74
N GLY A 105 10.48 7.32 18.47
CA GLY A 105 11.75 6.95 17.88
C GLY A 105 11.58 5.93 16.77
N GLY A 106 10.74 4.91 17.01
CA GLY A 106 10.42 3.98 15.95
C GLY A 106 9.73 4.65 14.78
N LYS A 107 8.86 5.62 15.06
CA LYS A 107 8.18 6.34 13.98
C LYS A 107 9.19 7.09 13.10
N ILE A 108 10.10 7.84 13.72
CA ILE A 108 10.99 8.67 12.91
C ILE A 108 12.02 7.78 12.21
N PHE A 109 12.44 6.69 12.87
CA PHE A 109 13.29 5.72 12.20
C PHE A 109 12.58 5.11 11.01
N LEU A 110 11.27 4.86 11.12
CA LEU A 110 10.51 4.39 9.96
C LEU A 110 10.45 5.44 8.87
N ILE A 111 10.39 6.72 9.24
CA ILE A 111 10.42 7.79 8.24
C ILE A 111 11.69 7.69 7.41
N PHE A 112 12.85 7.73 8.07
CA PHE A 112 14.11 7.56 7.34
C PHE A 112 14.18 6.24 6.59
N TYR A 113 13.70 5.16 7.22
CA TYR A 113 13.81 3.83 6.63
C TYR A 113 13.03 3.74 5.33
N GLY A 114 11.77 4.18 5.36
CA GLY A 114 10.99 4.23 4.13
C GLY A 114 11.63 5.13 3.09
N LEU A 115 12.00 6.35 3.50
CA LEU A 115 12.54 7.32 2.54
C LEU A 115 13.77 6.77 1.83
N VAL A 116 14.59 5.97 2.52
CA VAL A 116 15.85 5.50 1.94
C VAL A 116 15.77 4.07 1.43
N GLY A 117 14.66 3.37 1.65
CA GLY A 117 14.58 2.00 1.18
C GLY A 117 13.44 1.67 0.22
N CYS A 118 12.31 2.37 0.32
CA CYS A 118 11.19 2.08 -0.57
C CYS A 118 11.54 2.37 -2.03
N PRO A 119 12.15 3.50 -2.38
CA PRO A 119 12.60 3.68 -3.77
C PRO A 119 13.59 2.62 -4.21
N SER A 120 14.41 2.11 -3.29
CA SER A 120 15.35 1.04 -3.65
C SER A 120 14.61 -0.19 -4.12
N THR A 121 13.51 -0.56 -3.46
CA THR A 121 12.77 -1.75 -3.86
C THR A 121 11.92 -1.48 -5.10
N ILE A 122 11.41 -0.26 -5.26
CA ILE A 122 10.73 0.06 -6.52
C ILE A 122 11.69 -0.05 -7.69
N LEU A 123 12.91 0.46 -7.54
CA LEU A 123 13.93 0.33 -8.56
C LEU A 123 14.39 -1.11 -8.74
N PHE A 124 14.36 -1.92 -7.67
CA PHE A 124 14.67 -3.33 -7.81
C PHE A 124 13.59 -4.05 -8.61
N PHE A 125 12.34 -3.64 -8.44
CA PHE A 125 11.27 -4.15 -9.29
C PHE A 125 11.49 -3.74 -10.74
N ASN A 126 11.97 -2.51 -10.96
CA ASN A 126 12.32 -2.08 -12.31
C ASN A 126 13.44 -2.95 -12.88
N LEU A 127 14.43 -3.27 -12.06
CA LEU A 127 15.52 -4.14 -12.49
C LEU A 127 15.01 -5.54 -12.82
N PHE A 128 14.06 -6.03 -12.03
CA PHE A 128 13.43 -7.31 -12.34
C PHE A 128 12.69 -7.25 -13.67
N LEU A 129 12.02 -6.13 -13.95
CA LEU A 129 11.40 -5.93 -15.25
C LEU A 129 12.43 -6.03 -16.37
N GLU A 130 13.57 -5.37 -16.18
CA GLU A 130 14.61 -5.39 -17.21
C GLU A 130 15.15 -6.80 -17.42
N ARG A 131 15.39 -7.51 -16.33
CA ARG A 131 15.80 -8.91 -16.43
C ARG A 131 14.78 -9.77 -17.15
N LEU A 132 13.50 -9.62 -16.80
CA LEU A 132 12.47 -10.45 -17.38
C LEU A 132 12.36 -10.20 -18.88
N ILE A 133 12.37 -8.91 -19.28
CA ILE A 133 12.33 -8.59 -20.70
C ILE A 133 13.53 -9.19 -21.43
N THR A 134 14.74 -8.99 -20.90
CA THR A 134 15.93 -9.49 -21.57
C THR A 134 15.92 -11.01 -21.68
N ILE A 135 15.58 -11.70 -20.59
CA ILE A 135 15.61 -13.15 -20.58
C ILE A 135 14.53 -13.73 -21.49
N ILE A 136 13.36 -13.08 -21.52
CA ILE A 136 12.27 -13.58 -22.36
C ILE A 136 12.60 -13.36 -23.83
N ALA A 137 13.26 -12.24 -24.16
CA ALA A 137 13.74 -12.06 -25.52
C ALA A 137 14.77 -13.12 -25.89
N TYR A 138 15.65 -13.45 -24.95
CA TYR A 138 16.65 -14.49 -25.21
C TYR A 138 15.99 -15.84 -25.46
N ILE A 139 14.98 -16.20 -24.65
CA ILE A 139 14.32 -17.48 -24.85
C ILE A 139 13.48 -17.47 -26.12
N MET A 140 13.00 -16.30 -26.55
CA MET A 140 12.28 -16.23 -27.82
C MET A 140 13.24 -16.44 -28.99
N LYS A 141 14.41 -15.83 -28.95
CA LYS A 141 15.47 -16.15 -29.90
C LYS A 141 15.79 -17.64 -29.89
N SER A 142 15.87 -18.24 -28.69
CA SER A 142 16.20 -19.65 -28.59
C SER A 142 15.11 -20.52 -29.24
N CYS A 143 13.85 -20.21 -28.98
CA CYS A 143 12.76 -20.98 -29.58
C CYS A 143 12.73 -20.81 -31.10
N HIS A 144 12.97 -19.58 -31.58
CA HIS A 144 13.03 -19.36 -33.02
C HIS A 144 14.17 -20.15 -33.65
N GLN A 145 15.33 -20.15 -33.02
CA GLN A 145 16.48 -20.88 -33.54
C GLN A 145 16.18 -22.39 -33.55
N ARG A 146 15.52 -22.87 -32.49
CA ARG A 146 15.15 -24.28 -32.41
C ARG A 146 14.20 -24.67 -33.53
N GLN A 147 13.16 -23.86 -33.75
CA GLN A 147 12.19 -24.21 -34.79
C GLN A 147 12.74 -23.99 -36.19
N LEU A 148 13.83 -23.24 -36.33
CA LEU A 148 14.45 -23.09 -37.64
C LEU A 148 15.46 -24.19 -37.93
N ARG A 149 16.16 -24.70 -36.92
CA ARG A 149 17.17 -25.74 -37.14
C ARG A 149 16.75 -27.11 -36.64
N ARG A 150 15.48 -27.31 -36.30
CA ARG A 150 15.05 -28.62 -35.80
C ARG A 150 13.89 -29.16 -36.64
N ALA A 171 18.21 -4.89 -26.78
CA ALA A 171 16.81 -5.23 -27.02
C ALA A 171 16.69 -6.57 -27.74
N GLY A 172 17.52 -6.77 -28.76
CA GLY A 172 17.46 -8.01 -29.53
C GLY A 172 16.15 -8.10 -30.28
N TRP A 173 15.38 -9.15 -29.98
CA TRP A 173 14.06 -9.30 -30.58
C TRP A 173 13.11 -8.20 -30.12
N LYS A 174 13.24 -7.77 -28.86
CA LYS A 174 12.39 -6.74 -28.26
C LYS A 174 10.93 -7.14 -28.43
N PRO A 175 10.44 -8.08 -27.63
CA PRO A 175 9.04 -8.52 -27.77
C PRO A 175 8.08 -7.36 -27.62
N SER A 176 7.02 -7.38 -28.44
CA SER A 176 6.07 -6.28 -28.46
C SER A 176 5.37 -6.16 -27.12
N VAL A 177 4.86 -4.95 -26.85
CA VAL A 177 4.17 -4.70 -25.58
C VAL A 177 2.94 -5.57 -25.45
N TYR A 178 2.30 -5.91 -26.57
CA TYR A 178 1.10 -6.75 -26.51
C TYR A 178 1.44 -8.16 -26.05
N TYR A 179 2.43 -8.80 -26.67
CA TYR A 179 2.78 -10.16 -26.29
C TYR A 179 3.42 -10.20 -24.91
N VAL A 180 4.27 -9.22 -24.59
CA VAL A 180 4.83 -9.13 -23.25
C VAL A 180 3.71 -9.01 -22.22
N MET A 181 2.72 -8.17 -22.51
CA MET A 181 1.56 -8.02 -21.64
C MET A 181 0.84 -9.34 -21.46
N LEU A 182 0.58 -10.04 -22.56
CA LEU A 182 -0.20 -11.27 -22.50
C LEU A 182 0.51 -12.33 -21.65
N ILE A 183 1.78 -12.61 -21.98
CA ILE A 183 2.51 -13.60 -21.19
C ILE A 183 2.77 -13.12 -19.77
N LEU A 184 2.78 -11.81 -19.53
CA LEU A 184 2.96 -11.31 -18.17
C LEU A 184 1.73 -11.56 -17.32
N CYS A 185 0.53 -11.28 -17.86
CA CYS A 185 -0.66 -11.61 -17.10
C CYS A 185 -0.83 -13.12 -16.98
N THR A 186 -0.35 -13.88 -17.97
CA THR A 186 -0.36 -15.34 -17.86
C THR A 186 0.49 -15.81 -16.69
N ALA A 187 1.70 -15.29 -16.57
CA ALA A 187 2.54 -15.63 -15.42
C ALA A 187 1.89 -15.18 -14.13
N SER A 188 1.23 -14.02 -14.14
CA SER A 188 0.56 -13.52 -12.94
C SER A 188 -0.53 -14.47 -12.48
N ILE A 189 -1.42 -14.88 -13.40
CA ILE A 189 -2.51 -15.76 -13.00
C ILE A 189 -1.96 -17.12 -12.60
N LEU A 190 -0.93 -17.61 -13.28
CA LEU A 190 -0.34 -18.89 -12.93
C LEU A 190 0.22 -18.88 -11.52
N ILE A 191 1.05 -17.88 -11.20
CA ILE A 191 1.60 -17.78 -9.85
C ILE A 191 0.49 -17.54 -8.84
N SER A 192 -0.61 -16.91 -9.26
CA SER A 192 -1.76 -16.77 -8.38
C SER A 192 -2.35 -18.13 -8.03
N CYS A 193 -2.49 -19.01 -9.02
CA CYS A 193 -3.01 -20.35 -8.73
C CYS A 193 -2.06 -21.13 -7.83
N CYS A 194 -0.75 -21.04 -8.07
CA CYS A 194 0.19 -21.74 -7.20
C CYS A 194 0.12 -21.22 -5.76
N ALA A 195 0.13 -19.89 -5.61
CA ALA A 195 0.06 -19.29 -4.28
C ALA A 195 -1.24 -19.66 -3.59
N SER A 196 -2.35 -19.68 -4.32
CA SER A 196 -3.63 -20.05 -3.73
C SER A 196 -3.65 -21.52 -3.32
N ALA A 197 -3.12 -22.40 -4.16
CA ALA A 197 -3.05 -23.82 -3.82
C ALA A 197 -2.13 -24.08 -2.64
N MET A 198 -1.17 -23.19 -2.38
CA MET A 198 -0.33 -23.36 -1.20
C MET A 198 -0.90 -22.69 0.04
N TYR A 199 -1.70 -21.62 -0.12
CA TYR A 199 -2.30 -20.94 1.03
C TYR A 199 -3.55 -21.64 1.53
N THR A 200 -4.42 -22.09 0.62
CA THR A 200 -5.73 -22.61 1.04
C THR A 200 -5.65 -23.75 2.03
N PRO A 201 -4.81 -24.79 1.83
CA PRO A 201 -4.72 -25.84 2.86
C PRO A 201 -4.10 -25.37 4.16
N ILE A 202 -3.45 -24.21 4.17
CA ILE A 202 -2.75 -23.73 5.37
C ILE A 202 -3.58 -22.65 6.06
N GLU A 203 -3.87 -21.56 5.34
CA GLU A 203 -4.67 -20.50 5.93
C GLU A 203 -6.11 -20.93 6.17
N GLY A 204 -6.63 -21.85 5.36
CA GLY A 204 -8.01 -22.25 5.47
C GLY A 204 -9.00 -21.32 4.80
N TRP A 205 -8.55 -20.50 3.86
CA TRP A 205 -9.42 -19.59 3.14
C TRP A 205 -10.16 -20.36 2.03
N SER A 206 -10.80 -19.62 1.14
CA SER A 206 -11.40 -20.16 -0.07
C SER A 206 -10.49 -19.85 -1.26
N TYR A 207 -10.78 -20.51 -2.38
CA TYR A 207 -9.97 -20.29 -3.57
C TYR A 207 -10.13 -18.86 -4.10
N PHE A 208 -11.36 -18.37 -4.16
CA PHE A 208 -11.57 -16.99 -4.61
C PHE A 208 -11.06 -16.00 -3.56
N ASP A 209 -11.21 -16.33 -2.28
CA ASP A 209 -10.64 -15.48 -1.23
C ASP A 209 -9.13 -15.42 -1.34
N SER A 210 -8.49 -16.56 -1.61
CA SER A 210 -7.04 -16.56 -1.74
C SER A 210 -6.60 -15.82 -3.00
N LEU A 211 -7.36 -15.94 -4.09
CA LEU A 211 -7.07 -15.15 -5.28
C LEU A 211 -7.15 -13.66 -4.98
N TYR A 212 -8.18 -13.25 -4.23
CA TYR A 212 -8.35 -11.84 -3.89
C TYR A 212 -7.20 -11.35 -3.01
N PHE A 213 -6.78 -12.17 -2.04
CA PHE A 213 -5.64 -11.81 -1.21
C PHE A 213 -4.37 -11.70 -2.04
N CYS A 214 -4.17 -12.63 -2.98
CA CYS A 214 -2.99 -12.58 -3.82
C CYS A 214 -2.97 -11.32 -4.67
N PHE A 215 -4.12 -10.94 -5.23
CA PHE A 215 -4.17 -9.71 -6.02
C PHE A 215 -3.92 -8.49 -5.14
N VAL A 216 -4.47 -8.48 -3.92
CA VAL A 216 -4.29 -7.34 -3.04
C VAL A 216 -2.82 -7.19 -2.64
N ALA A 217 -2.18 -8.30 -2.28
CA ALA A 217 -0.79 -8.24 -1.82
C ALA A 217 0.16 -7.94 -2.97
N PHE A 218 -0.09 -8.54 -4.14
CA PHE A 218 0.83 -8.37 -5.26
C PHE A 218 0.70 -6.99 -5.89
N SER A 219 -0.49 -6.39 -5.83
CA SER A 219 -0.73 -5.08 -6.42
C SER A 219 -0.41 -3.93 -5.46
N THR A 220 0.42 -4.19 -4.45
CA THR A 220 0.98 -3.15 -3.59
C THR A 220 -0.09 -2.52 -2.68
N ILE A 221 -1.35 -2.86 -2.91
CA ILE A 221 -2.45 -2.28 -2.14
C ILE A 221 -2.32 -2.65 -0.66
N GLY A 222 -2.34 -3.95 -0.37
CA GLY A 222 -2.19 -4.41 1.01
C GLY A 222 -3.26 -3.90 1.94
N PHE A 223 -4.51 -4.37 1.76
CA PHE A 223 -5.60 -3.93 2.60
C PHE A 223 -5.39 -4.34 4.05
N GLY A 224 -4.95 -5.57 4.28
CA GLY A 224 -4.78 -6.11 5.62
C GLY A 224 -5.97 -6.87 6.15
N ASP A 225 -7.11 -6.85 5.44
CA ASP A 225 -8.25 -7.66 5.87
C ASP A 225 -7.92 -9.14 5.80
N LEU A 226 -7.24 -9.56 4.74
CA LEU A 226 -6.68 -10.89 4.62
C LEU A 226 -5.17 -10.75 4.52
N VAL A 227 -4.45 -11.38 5.45
CA VAL A 227 -3.01 -11.23 5.55
C VAL A 227 -2.40 -12.63 5.52
N SER A 228 -1.13 -12.71 5.10
CA SER A 228 -0.45 -13.99 4.95
C SER A 228 -0.07 -14.55 6.31
N SER A 229 0.84 -15.53 6.32
CA SER A 229 1.17 -16.30 7.51
C SER A 229 1.36 -15.43 8.74
N GLN A 230 0.46 -15.57 9.71
CA GLN A 230 0.52 -14.83 10.97
C GLN A 230 0.33 -15.69 12.20
N ASN A 231 -0.14 -16.93 12.06
CA ASN A 231 -0.37 -17.78 13.22
C ASN A 231 0.94 -18.14 13.90
N ALA A 232 0.84 -18.46 15.19
CA ALA A 232 2.04 -18.77 15.97
C ALA A 232 2.70 -20.06 15.50
N HIS A 233 1.89 -21.04 15.10
CA HIS A 233 2.41 -22.36 14.72
C HIS A 233 2.01 -22.68 13.28
N TYR A 234 2.99 -23.15 12.51
CA TYR A 234 2.76 -23.66 11.17
C TYR A 234 3.62 -24.91 10.97
N GLU A 235 3.11 -25.84 10.18
CA GLU A 235 3.88 -27.03 9.85
C GLU A 235 5.05 -26.64 8.95
N SER A 236 6.26 -27.03 9.36
CA SER A 236 7.50 -26.62 8.70
C SER A 236 7.58 -25.09 8.62
N GLN A 237 7.69 -24.50 9.81
CA GLN A 237 7.57 -23.05 9.94
C GLN A 237 8.60 -22.32 9.10
N GLY A 238 9.86 -22.74 9.16
CA GLY A 238 10.89 -22.06 8.38
C GLY A 238 10.69 -22.21 6.88
N LEU A 239 10.41 -23.43 6.43
CA LEU A 239 10.19 -23.67 5.01
C LEU A 239 8.95 -22.92 4.52
N TYR A 240 7.88 -22.95 5.30
CA TYR A 240 6.66 -22.24 4.91
C TYR A 240 6.89 -20.74 4.87
N ARG A 241 7.64 -20.20 5.83
CA ARG A 241 7.93 -18.77 5.83
C ARG A 241 8.75 -18.38 4.60
N PHE A 242 9.76 -19.19 4.26
CA PHE A 242 10.58 -18.92 3.08
C PHE A 242 9.73 -18.99 1.81
N ALA A 243 8.85 -20.00 1.71
CA ALA A 243 7.99 -20.12 0.55
C ALA A 243 7.05 -18.92 0.43
N ASN A 244 6.47 -18.50 1.55
CA ASN A 244 5.59 -17.33 1.54
C ASN A 244 6.36 -16.08 1.09
N PHE A 245 7.58 -15.90 1.61
CA PHE A 245 8.37 -14.73 1.25
C PHE A 245 8.67 -14.71 -0.25
N VAL A 246 9.15 -15.85 -0.79
CA VAL A 246 9.52 -15.88 -2.20
C VAL A 246 8.29 -15.74 -3.09
N PHE A 247 7.17 -16.34 -2.68
CA PHE A 247 5.94 -16.22 -3.47
C PHE A 247 5.45 -14.79 -3.49
N ILE A 248 5.46 -14.11 -2.34
CA ILE A 248 5.02 -12.72 -2.29
C ILE A 248 5.92 -11.85 -3.14
N LEU A 249 7.24 -12.07 -3.05
CA LEU A 249 8.19 -11.28 -3.83
C LEU A 249 7.94 -11.45 -5.32
N MET A 250 7.86 -12.71 -5.77
CA MET A 250 7.65 -12.96 -7.20
C MET A 250 6.32 -12.41 -7.67
N GLY A 251 5.27 -12.56 -6.87
CA GLY A 251 3.96 -12.07 -7.26
C GLY A 251 3.92 -10.56 -7.38
N VAL A 252 4.49 -9.86 -6.39
CA VAL A 252 4.48 -8.39 -6.45
C VAL A 252 5.35 -7.90 -7.60
N CYS A 253 6.46 -8.58 -7.86
CA CYS A 253 7.30 -8.21 -9.00
C CYS A 253 6.54 -8.35 -10.32
N CYS A 254 5.90 -9.51 -10.52
CA CYS A 254 5.17 -9.75 -11.76
C CYS A 254 4.01 -8.78 -11.93
N ILE A 255 3.30 -8.50 -10.83
CA ILE A 255 2.14 -7.62 -10.92
C ILE A 255 2.55 -6.19 -11.18
N TYR A 256 3.66 -5.74 -10.58
CA TYR A 256 4.16 -4.40 -10.87
C TYR A 256 4.61 -4.29 -12.32
N SER A 257 5.26 -5.33 -12.83
CA SER A 257 5.65 -5.37 -14.23
C SER A 257 4.42 -5.25 -15.13
N LEU A 258 3.39 -6.05 -14.83
CA LEU A 258 2.15 -5.98 -15.62
C LEU A 258 1.52 -4.61 -15.53
N PHE A 259 1.54 -3.99 -14.34
CA PHE A 259 0.97 -2.68 -14.17
C PHE A 259 1.65 -1.65 -15.06
N ASN A 260 3.00 -1.65 -15.06
CA ASN A 260 3.72 -0.70 -15.91
C ASN A 260 3.47 -0.97 -17.38
N VAL A 261 3.43 -2.26 -17.78
CA VAL A 261 3.28 -2.60 -19.19
C VAL A 261 1.90 -2.15 -19.69
N ILE A 262 0.85 -2.47 -18.95
CA ILE A 262 -0.47 -2.02 -19.39
C ILE A 262 -0.63 -0.52 -19.19
N SER A 263 0.17 0.11 -18.31
CA SER A 263 0.16 1.57 -18.26
C SER A 263 0.60 2.16 -19.59
N ILE A 264 1.74 1.69 -20.11
CA ILE A 264 2.18 2.22 -21.40
C ILE A 264 1.22 1.81 -22.51
N LEU A 265 0.61 0.62 -22.41
CA LEU A 265 -0.35 0.19 -23.44
C LEU A 265 -1.58 1.09 -23.47
N ILE A 266 -2.16 1.36 -22.30
CA ILE A 266 -3.33 2.24 -22.26
C ILE A 266 -2.98 3.68 -22.56
N LYS A 267 -1.73 4.12 -22.34
CA LYS A 267 -1.42 5.49 -22.75
C LYS A 267 -1.27 5.57 -24.27
N GLN A 268 -0.75 4.51 -24.89
CA GLN A 268 -0.80 4.41 -26.35
C GLN A 268 -2.24 4.49 -26.85
N SER A 269 -3.12 3.70 -26.24
CA SER A 269 -4.52 3.67 -26.67
C SER A 269 -5.19 5.02 -26.45
N LEU A 270 -4.86 5.69 -25.34
CA LEU A 270 -5.45 6.98 -25.05
C LEU A 270 -4.96 8.05 -26.02
N ASN A 271 -3.67 8.01 -26.39
CA ASN A 271 -3.17 8.91 -27.43
C ASN A 271 -3.90 8.65 -28.74
N TRP A 272 -4.13 7.38 -29.08
CA TRP A 272 -4.83 7.04 -30.31
C TRP A 272 -6.25 7.61 -30.31
N ILE A 273 -6.99 7.39 -29.22
CA ILE A 273 -8.38 7.85 -29.18
C ILE A 273 -8.45 9.37 -29.12
N LEU A 274 -7.48 10.01 -28.47
CA LEU A 274 -7.46 11.47 -28.46
C LEU A 274 -7.15 12.03 -29.84
N ARG A 275 -6.25 11.37 -30.58
CA ARG A 275 -5.99 11.80 -31.94
C ARG A 275 -7.23 11.65 -32.81
N LYS A 276 -7.97 10.55 -32.65
CA LYS A 276 -9.22 10.39 -33.38
C LYS A 276 -10.22 11.48 -33.02
N MET A 277 -10.34 11.80 -31.73
CA MET A 277 -11.29 12.82 -31.29
C MET A 277 -10.92 14.19 -31.83
N ASP A 278 -9.62 14.50 -31.85
CA ASP A 278 -9.17 15.79 -32.36
C ASP A 278 -9.35 15.88 -33.88
N SER A 279 -9.15 14.76 -34.58
CA SER A 279 -9.28 14.78 -36.04
C SER A 279 -10.75 14.85 -36.46
N GLY A 280 -11.63 14.09 -35.80
CA GLY A 280 -13.03 14.08 -36.13
C GLY A 280 -13.73 15.34 -35.65
N CYS A 281 -13.75 15.53 -34.33
CA CYS A 281 -14.24 16.78 -33.73
C CYS A 281 -13.07 17.75 -33.74
N CYS A 282 -13.01 18.58 -34.78
CA CYS A 282 -11.84 19.42 -35.02
C CYS A 282 -11.90 20.73 -34.26
N ALA B 1 27.17 -9.95 -11.55
CA ALA B 1 27.00 -8.99 -10.46
C ALA B 1 26.10 -7.85 -10.91
N ARG B 2 26.71 -6.83 -11.52
CA ARG B 2 26.02 -5.68 -12.09
C ARG B 2 25.10 -5.00 -11.08
N PHE B 3 24.12 -4.23 -11.56
CA PHE B 3 23.08 -3.72 -10.68
C PHE B 3 22.30 -4.86 -10.05
N LEU B 4 22.44 -6.06 -10.58
CA LEU B 4 21.49 -7.13 -10.34
C LEU B 4 21.69 -7.77 -8.99
N LEU B 5 22.94 -7.99 -8.60
CA LEU B 5 23.28 -8.65 -7.35
C LEU B 5 23.22 -7.71 -6.17
N LEU B 6 22.56 -6.56 -6.33
CA LEU B 6 22.33 -5.68 -5.20
C LEU B 6 21.41 -6.34 -4.16
N ALA B 7 20.75 -7.44 -4.53
CA ALA B 7 19.87 -8.13 -3.60
C ALA B 7 20.61 -8.61 -2.36
N ALA B 8 21.92 -8.85 -2.47
CA ALA B 8 22.69 -9.23 -1.28
C ALA B 8 22.66 -8.11 -0.25
N LEU B 9 23.03 -6.90 -0.66
CA LEU B 9 22.94 -5.76 0.24
C LEU B 9 21.50 -5.49 0.66
N ILE B 10 20.55 -5.75 -0.23
CA ILE B 10 19.14 -5.56 0.13
C ILE B 10 18.74 -6.47 1.27
N VAL B 11 19.02 -7.78 1.16
CA VAL B 11 18.64 -8.72 2.21
C VAL B 11 19.39 -8.41 3.50
N LEU B 12 20.68 -8.09 3.40
CA LEU B 12 21.43 -7.66 4.57
C LEU B 12 20.81 -6.42 5.20
N TYR B 13 20.20 -5.57 4.37
CA TYR B 13 19.69 -4.28 4.82
C TYR B 13 18.35 -4.45 5.54
N LEU B 14 17.46 -5.29 5.00
CA LEU B 14 16.27 -5.67 5.79
C LEU B 14 16.66 -6.42 7.06
N LEU B 15 17.69 -7.26 7.01
CA LEU B 15 18.12 -7.96 8.22
C LEU B 15 18.55 -6.97 9.30
N GLY B 16 19.42 -6.03 8.94
CA GLY B 16 19.87 -5.05 9.91
C GLY B 16 18.75 -4.15 10.41
N GLY B 17 17.87 -3.71 9.50
CA GLY B 17 16.74 -2.90 9.91
C GLY B 17 15.81 -3.62 10.86
N ALA B 18 15.55 -4.91 10.58
CA ALA B 18 14.72 -5.71 11.48
C ALA B 18 15.38 -5.83 12.85
N ALA B 19 16.70 -6.05 12.87
CA ALA B 19 17.41 -6.15 14.14
C ALA B 19 17.28 -4.87 14.95
N VAL B 20 17.58 -3.72 14.35
CA VAL B 20 17.55 -2.47 15.11
C VAL B 20 16.13 -2.13 15.53
N PHE B 21 15.16 -2.40 14.65
CA PHE B 21 13.76 -2.24 15.03
C PHE B 21 13.45 -3.05 16.28
N SER B 22 13.83 -4.32 16.28
CA SER B 22 13.52 -5.18 17.42
C SER B 22 14.18 -4.66 18.70
N ALA B 23 15.47 -4.34 18.63
CA ALA B 23 16.19 -3.90 19.82
C ALA B 23 15.64 -2.57 20.35
N LEU B 24 15.04 -1.76 19.48
CA LEU B 24 14.74 -0.41 19.93
C LEU B 24 13.44 -0.31 20.73
N GLU B 25 12.50 -1.25 20.59
CA GLU B 25 11.28 -1.16 21.40
C GLU B 25 10.53 -2.48 21.63
N LEU B 26 11.22 -3.62 21.54
CA LEU B 26 10.68 -4.84 22.15
C LEU B 26 10.21 -4.62 23.59
N ALA B 27 10.84 -3.71 24.31
CA ALA B 27 10.40 -3.35 25.65
C ALA B 27 8.98 -2.79 25.63
N HIS B 28 8.72 -1.85 24.71
CA HIS B 28 7.39 -1.28 24.56
C HIS B 28 6.37 -2.37 24.24
N GLU B 29 6.74 -3.28 23.34
CA GLU B 29 5.77 -4.33 23.00
C GLU B 29 5.49 -5.26 24.18
N ARG B 30 6.52 -5.71 24.89
CA ARG B 30 6.30 -6.53 26.08
C ARG B 30 5.41 -5.81 27.09
N GLN B 31 5.69 -4.52 27.33
CA GLN B 31 4.91 -3.77 28.29
C GLN B 31 3.45 -3.69 27.87
N ALA B 32 3.20 -3.43 26.58
CA ALA B 32 1.85 -3.36 26.07
C ALA B 32 1.10 -4.67 26.27
N LYS B 33 1.74 -5.78 25.89
CA LYS B 33 1.09 -7.09 26.04
C LYS B 33 0.82 -7.41 27.51
N GLN B 34 1.79 -7.14 28.38
CA GLN B 34 1.62 -7.44 29.80
C GLN B 34 0.46 -6.65 30.39
N ARG B 35 0.43 -5.34 30.14
CA ARG B 35 -0.62 -4.48 30.69
C ARG B 35 -1.98 -4.80 30.08
N TRP B 36 -2.00 -5.25 28.83
CA TRP B 36 -3.26 -5.63 28.19
C TRP B 36 -3.82 -6.89 28.84
N GLU B 37 -2.96 -7.89 29.04
CA GLU B 37 -3.38 -9.11 29.74
C GLU B 37 -3.83 -8.80 31.16
N GLU B 38 -3.13 -7.85 31.81
CA GLU B 38 -3.48 -7.52 33.17
C GLU B 38 -4.88 -6.92 33.26
N ARG B 39 -5.22 -6.01 32.34
CA ARG B 39 -6.59 -5.50 32.42
C ARG B 39 -7.57 -6.57 31.95
N LEU B 40 -7.11 -7.52 31.13
CA LEU B 40 -8.01 -8.60 30.75
C LEU B 40 -8.46 -9.35 31.98
N ALA B 41 -7.51 -9.71 32.82
CA ALA B 41 -7.81 -10.33 34.11
C ALA B 41 -8.73 -9.42 34.93
N ASN B 42 -8.40 -8.13 35.00
CA ASN B 42 -9.18 -7.19 35.80
C ASN B 42 -10.64 -7.10 35.33
N PHE B 43 -10.84 -6.98 34.02
CA PHE B 43 -12.16 -6.79 33.44
C PHE B 43 -12.99 -8.06 33.55
N SER B 44 -12.36 -9.22 33.38
CA SER B 44 -13.07 -10.48 33.59
C SER B 44 -13.46 -10.64 35.05
N ARG B 45 -12.59 -10.17 35.96
CA ARG B 45 -12.84 -10.27 37.38
C ARG B 45 -13.98 -9.37 37.83
N GLY B 46 -13.99 -8.12 37.39
CA GLY B 46 -14.96 -7.14 37.86
C GLY B 46 -16.30 -7.21 37.16
N HIS B 47 -16.49 -8.22 36.32
CA HIS B 47 -17.75 -8.37 35.60
C HIS B 47 -18.21 -9.82 35.62
N ASN B 48 -17.42 -10.70 36.23
CA ASN B 48 -17.74 -12.13 36.35
C ASN B 48 -18.01 -12.74 34.97
N LEU B 49 -17.09 -12.49 34.05
CA LEU B 49 -17.28 -12.85 32.64
C LEU B 49 -16.18 -13.83 32.21
N SER B 50 -16.61 -14.96 31.65
CA SER B 50 -15.69 -16.06 31.39
C SER B 50 -14.80 -15.77 30.18
N ARG B 51 -13.79 -16.62 29.99
CA ARG B 51 -12.82 -16.44 28.92
C ARG B 51 -13.35 -16.83 27.55
N ASP B 52 -14.21 -17.84 27.47
CA ASP B 52 -14.77 -18.23 26.17
C ASP B 52 -15.75 -17.18 25.66
N GLU B 53 -16.49 -16.55 26.56
CA GLU B 53 -17.38 -15.46 26.16
C GLU B 53 -16.59 -14.31 25.54
N LEU B 54 -15.48 -13.93 26.18
CA LEU B 54 -14.60 -12.93 25.61
C LEU B 54 -14.01 -13.40 24.29
N ARG B 55 -13.60 -14.67 24.22
CA ARG B 55 -13.10 -15.25 22.99
C ARG B 55 -14.05 -14.98 21.83
N GLY B 56 -15.29 -15.46 21.97
CA GLY B 56 -16.26 -15.28 20.90
C GLY B 56 -16.59 -13.84 20.63
N PHE B 57 -16.83 -13.06 21.69
CA PHE B 57 -17.24 -11.66 21.52
C PHE B 57 -16.16 -10.85 20.83
N LEU B 58 -14.90 -11.00 21.23
CA LEU B 58 -13.82 -10.26 20.59
C LEU B 58 -13.53 -10.76 19.18
N ARG B 59 -13.58 -12.08 18.94
CA ARG B 59 -13.44 -12.57 17.58
C ARG B 59 -14.46 -11.94 16.65
N HIS B 60 -15.72 -11.95 17.04
CA HIS B 60 -16.74 -11.56 16.07
C HIS B 60 -16.92 -10.03 16.06
N TYR B 61 -16.50 -9.37 17.15
CA TYR B 61 -16.30 -7.93 17.08
C TYR B 61 -15.22 -7.57 16.07
N GLU B 62 -14.14 -8.35 16.01
CA GLU B 62 -13.15 -8.12 14.96
C GLU B 62 -13.74 -8.39 13.59
N GLU B 63 -14.61 -9.39 13.47
CA GLU B 63 -15.32 -9.60 12.20
C GLU B 63 -16.09 -8.35 11.81
N ALA B 64 -16.86 -7.79 12.75
CA ALA B 64 -17.69 -6.62 12.44
C ALA B 64 -16.85 -5.38 12.17
N THR B 65 -15.69 -5.25 12.84
CA THR B 65 -14.79 -4.15 12.52
C THR B 65 -14.19 -4.32 11.14
N ARG B 66 -13.95 -5.57 10.74
CA ARG B 66 -13.59 -5.86 9.36
C ARG B 66 -14.70 -5.41 8.42
N ALA B 67 -15.94 -5.45 8.90
CA ALA B 67 -17.05 -4.89 8.15
C ALA B 67 -17.07 -3.35 8.26
N GLY B 68 -16.24 -2.79 9.12
CA GLY B 68 -16.14 -1.34 9.19
C GLY B 68 -16.96 -0.65 10.26
N ILE B 69 -16.67 -0.92 11.53
CA ILE B 69 -17.41 -0.27 12.62
C ILE B 69 -16.47 0.46 13.57
N ARG B 70 -15.44 1.13 13.04
CA ARG B 70 -14.51 1.93 13.84
C ARG B 70 -15.19 2.51 15.08
N VAL B 71 -14.64 2.22 16.26
CA VAL B 71 -15.41 2.26 17.51
C VAL B 71 -15.95 3.66 17.79
N ASP B 72 -15.18 4.70 17.48
CA ASP B 72 -15.67 6.06 17.62
C ASP B 72 -16.70 6.36 16.54
N ASN B 73 -17.56 7.35 16.82
CA ASN B 73 -18.59 7.74 15.86
C ASN B 73 -17.91 8.18 14.57
N VAL B 74 -18.02 7.35 13.53
CA VAL B 74 -17.35 7.60 12.27
C VAL B 74 -18.40 7.79 11.19
N ARG B 75 -17.93 8.19 10.00
CA ARG B 75 -18.79 8.30 8.84
C ARG B 75 -19.34 6.91 8.52
N PRO B 76 -20.46 6.81 7.79
CA PRO B 76 -20.75 5.53 7.15
C PRO B 76 -19.56 5.16 6.28
N ARG B 77 -18.90 4.06 6.64
CA ARG B 77 -17.64 3.63 6.01
C ARG B 77 -17.65 3.79 4.51
N TRP B 78 -18.84 3.75 3.91
CA TRP B 78 -18.95 3.52 2.48
C TRP B 78 -20.29 4.10 2.03
N ASP B 79 -20.24 5.17 1.24
CA ASP B 79 -21.44 5.73 0.60
C ASP B 79 -20.98 6.30 -0.74
N PHE B 80 -21.71 7.26 -1.31
CA PHE B 80 -21.16 7.99 -2.46
C PHE B 80 -19.80 8.57 -2.10
N THR B 81 -19.73 9.33 -1.01
CA THR B 81 -18.45 9.82 -0.51
C THR B 81 -17.60 8.67 0.03
N GLY B 82 -18.23 7.71 0.72
CA GLY B 82 -17.48 6.60 1.27
C GLY B 82 -16.85 5.72 0.20
N ALA B 83 -17.64 5.35 -0.81
CA ALA B 83 -17.06 4.58 -1.92
C ALA B 83 -16.09 5.42 -2.72
N PHE B 84 -16.30 6.74 -2.78
CA PHE B 84 -15.32 7.60 -3.43
C PHE B 84 -13.99 7.53 -2.72
N TYR B 85 -13.98 7.63 -1.39
CA TYR B 85 -12.74 7.55 -0.63
C TYR B 85 -12.12 6.16 -0.73
N PHE B 86 -12.96 5.12 -0.68
CA PHE B 86 -12.46 3.76 -0.83
C PHE B 86 -11.74 3.59 -2.16
N VAL B 87 -12.38 4.00 -3.26
CA VAL B 87 -11.76 3.83 -4.56
C VAL B 87 -10.53 4.72 -4.70
N GLY B 88 -10.55 5.93 -4.13
CA GLY B 88 -9.37 6.77 -4.17
C GLY B 88 -8.20 6.13 -3.46
N THR B 89 -8.47 5.43 -2.36
CA THR B 89 -7.44 4.61 -1.71
C THR B 89 -6.98 3.49 -2.63
N VAL B 90 -7.93 2.87 -3.36
CA VAL B 90 -7.59 1.72 -4.18
C VAL B 90 -6.70 2.13 -5.35
N VAL B 91 -7.14 3.10 -6.15
CA VAL B 91 -6.46 3.38 -7.42
C VAL B 91 -5.06 3.92 -7.16
N SER B 92 -4.88 4.69 -6.09
CA SER B 92 -3.58 5.20 -5.70
C SER B 92 -2.72 4.14 -5.02
N THR B 93 -3.24 2.93 -4.84
CA THR B 93 -2.53 1.80 -4.22
C THR B 93 -2.08 2.09 -2.80
N ILE B 94 -2.76 3.01 -2.11
CA ILE B 94 -2.44 3.27 -0.71
C ILE B 94 -2.84 2.08 0.16
N GLY B 95 -4.05 1.58 -0.03
CA GLY B 95 -4.53 0.44 0.72
C GLY B 95 -4.61 0.68 2.21
N PHE B 96 -5.41 1.68 2.62
CA PHE B 96 -5.55 1.99 4.04
C PHE B 96 -6.16 0.81 4.79
N GLY B 97 -7.07 0.09 4.16
CA GLY B 97 -7.70 -1.05 4.79
C GLY B 97 -8.91 -0.71 5.64
N MET B 98 -9.28 0.56 5.76
CA MET B 98 -10.44 0.94 6.54
C MET B 98 -11.74 0.50 5.86
N THR B 99 -11.72 0.30 4.54
CA THR B 99 -12.89 -0.11 3.78
C THR B 99 -12.48 -1.24 2.85
N THR B 100 -13.09 -2.41 3.04
CA THR B 100 -12.80 -3.57 2.20
C THR B 100 -14.11 -4.21 1.76
N PRO B 101 -14.18 -4.73 0.54
CA PRO B 101 -15.42 -5.38 0.08
C PRO B 101 -15.71 -6.64 0.87
N ALA B 102 -16.99 -6.97 0.96
CA ALA B 102 -17.43 -8.15 1.69
C ALA B 102 -18.06 -9.23 0.81
N THR B 103 -18.75 -8.87 -0.28
CA THR B 103 -19.35 -9.87 -1.15
C THR B 103 -18.38 -10.33 -2.22
N VAL B 104 -18.56 -11.58 -2.66
CA VAL B 104 -17.67 -12.14 -3.68
C VAL B 104 -17.81 -11.38 -4.99
N GLY B 105 -19.01 -10.89 -5.28
CA GLY B 105 -19.17 -10.01 -6.44
C GLY B 105 -18.39 -8.73 -6.30
N GLY B 106 -18.45 -8.12 -5.11
CA GLY B 106 -17.61 -6.96 -4.85
C GLY B 106 -16.14 -7.29 -4.93
N LYS B 107 -15.74 -8.47 -4.46
CA LYS B 107 -14.34 -8.88 -4.54
C LYS B 107 -13.87 -8.97 -5.99
N ILE B 108 -14.64 -9.65 -6.84
CA ILE B 108 -14.17 -9.87 -8.21
C ILE B 108 -14.26 -8.56 -8.99
N PHE B 109 -15.26 -7.73 -8.70
CA PHE B 109 -15.31 -6.40 -9.29
C PHE B 109 -14.11 -5.58 -8.87
N LEU B 110 -13.66 -5.72 -7.62
CA LEU B 110 -12.44 -5.04 -7.21
C LEU B 110 -11.22 -5.59 -7.94
N ILE B 111 -11.22 -6.89 -8.25
CA ILE B 111 -10.11 -7.45 -9.04
C ILE B 111 -10.01 -6.74 -10.38
N PHE B 112 -11.11 -6.74 -11.15
CA PHE B 112 -11.10 -6.02 -12.42
C PHE B 112 -10.80 -4.54 -12.23
N TYR B 113 -11.38 -3.92 -11.19
CA TYR B 113 -11.24 -2.49 -10.98
C TYR B 113 -9.78 -2.11 -10.73
N GLY B 114 -9.12 -2.81 -9.83
CA GLY B 114 -7.70 -2.59 -9.61
C GLY B 114 -6.89 -2.85 -10.86
N LEU B 115 -7.13 -3.99 -11.52
CA LEU B 115 -6.33 -4.37 -12.68
C LEU B 115 -6.42 -3.31 -13.77
N VAL B 116 -7.58 -2.67 -13.92
CA VAL B 116 -7.77 -1.72 -15.02
C VAL B 116 -7.62 -0.26 -14.59
N GLY B 117 -7.47 0.01 -13.29
CA GLY B 117 -7.35 1.39 -12.87
C GLY B 117 -6.10 1.77 -12.11
N CYS B 118 -5.49 0.84 -11.38
CA CYS B 118 -4.28 1.16 -10.63
C CYS B 118 -3.13 1.54 -11.54
N PRO B 119 -2.84 0.80 -12.62
CA PRO B 119 -1.82 1.28 -13.57
C PRO B 119 -2.15 2.63 -14.17
N SER B 120 -3.43 2.95 -14.34
CA SER B 120 -3.80 4.25 -14.87
C SER B 120 -3.35 5.36 -13.93
N THR B 121 -3.50 5.18 -12.62
CA THR B 121 -3.09 6.21 -11.68
C THR B 121 -1.58 6.23 -11.50
N ILE B 122 -0.92 5.08 -11.58
CA ILE B 122 0.55 5.10 -11.56
C ILE B 122 1.08 5.88 -12.76
N LEU B 123 0.51 5.65 -13.94
CA LEU B 123 0.89 6.41 -15.12
C LEU B 123 0.47 7.87 -15.02
N PHE B 124 -0.60 8.18 -14.32
CA PHE B 124 -0.96 9.58 -14.10
C PHE B 124 0.05 10.25 -13.18
N PHE B 125 0.57 9.52 -12.20
CA PHE B 125 1.67 10.04 -11.40
C PHE B 125 2.91 10.27 -12.26
N ASN B 126 3.17 9.37 -13.21
CA ASN B 126 4.26 9.59 -14.16
C ASN B 126 4.03 10.85 -14.98
N LEU B 127 2.79 11.07 -15.41
CA LEU B 127 2.45 12.27 -16.16
C LEU B 127 2.64 13.52 -15.32
N PHE B 128 2.29 13.44 -14.03
CA PHE B 128 2.54 14.54 -13.11
C PHE B 128 4.03 14.81 -12.98
N LEU B 129 4.84 13.74 -12.93
CA LEU B 129 6.29 13.91 -12.93
C LEU B 129 6.74 14.67 -14.17
N GLU B 130 6.22 14.29 -15.34
CA GLU B 130 6.62 14.94 -16.58
C GLU B 130 6.22 16.42 -16.57
N ARG B 131 5.00 16.71 -16.12
CA ARG B 131 4.56 18.10 -15.98
C ARG B 131 5.45 18.88 -15.02
N LEU B 132 5.78 18.31 -13.87
CA LEU B 132 6.55 19.02 -12.87
C LEU B 132 7.95 19.32 -13.41
N ILE B 133 8.59 18.34 -14.06
CA ILE B 133 9.90 18.58 -14.64
C ILE B 133 9.83 19.68 -15.69
N THR B 134 8.86 19.60 -16.61
CA THR B 134 8.77 20.58 -17.69
C THR B 134 8.52 21.98 -17.13
N ILE B 135 7.57 22.09 -16.20
CA ILE B 135 7.21 23.40 -15.66
C ILE B 135 8.34 23.99 -14.84
N ILE B 136 9.07 23.14 -14.09
CA ILE B 136 10.16 23.65 -13.27
C ILE B 136 11.33 24.08 -14.16
N ALA B 137 11.56 23.36 -15.26
CA ALA B 137 12.56 23.83 -16.23
C ALA B 137 12.14 25.17 -16.83
N TYR B 138 10.85 25.33 -17.13
CA TYR B 138 10.37 26.60 -17.67
C TYR B 138 10.58 27.73 -16.68
N ILE B 139 10.25 27.51 -15.40
CA ILE B 139 10.43 28.57 -14.41
C ILE B 139 11.90 28.83 -14.15
N MET B 140 12.77 27.83 -14.34
CA MET B 140 14.20 28.08 -14.20
C MET B 140 14.72 28.94 -15.35
N LYS B 141 14.28 28.66 -16.58
CA LYS B 141 14.55 29.57 -17.69
C LYS B 141 14.02 30.97 -17.39
N SER B 142 12.83 31.07 -16.81
CA SER B 142 12.25 32.38 -16.51
C SER B 142 13.10 33.14 -15.49
N CYS B 143 13.53 32.45 -14.43
CA CYS B 143 14.36 33.09 -13.42
C CYS B 143 15.72 33.50 -13.99
N HIS B 144 16.31 32.66 -14.84
CA HIS B 144 17.57 33.02 -15.49
C HIS B 144 17.40 34.25 -16.37
N GLN B 145 16.32 34.28 -17.16
CA GLN B 145 16.06 35.42 -18.03
C GLN B 145 15.85 36.69 -17.21
N ARG B 146 15.14 36.56 -16.08
CA ARG B 146 14.90 37.70 -15.20
C ARG B 146 16.21 38.23 -14.62
N GLN B 147 17.07 37.35 -14.12
CA GLN B 147 18.33 37.81 -13.54
C GLN B 147 19.32 38.28 -14.59
N LEU B 148 19.11 37.92 -15.86
CA LEU B 148 20.00 38.44 -16.91
C LEU B 148 19.51 39.78 -17.46
N ARG B 149 18.21 40.03 -17.49
CA ARG B 149 17.68 41.28 -18.03
C ARG B 149 17.12 42.22 -16.98
N ARG B 150 17.37 41.96 -15.69
CA ARG B 150 16.84 42.82 -14.65
C ARG B 150 17.95 43.36 -13.75
N ALA B 171 13.27 18.99 -23.22
CA ALA B 171 14.04 19.05 -21.99
C ALA B 171 14.40 20.48 -21.63
N GLY B 172 14.84 21.25 -22.62
CA GLY B 172 15.23 22.63 -22.37
C GLY B 172 16.45 22.67 -21.48
N TRP B 173 16.29 23.32 -20.31
CA TRP B 173 17.39 23.36 -19.35
C TRP B 173 17.68 21.98 -18.79
N LYS B 174 16.65 21.14 -18.62
CA LYS B 174 16.78 19.79 -18.08
C LYS B 174 17.50 19.87 -16.73
N PRO B 175 16.81 20.27 -15.67
CA PRO B 175 17.48 20.39 -14.36
C PRO B 175 18.07 19.06 -13.93
N SER B 176 19.24 19.12 -13.31
CA SER B 176 19.97 17.92 -12.93
C SER B 176 19.17 17.13 -11.90
N VAL B 177 19.46 15.83 -11.83
CA VAL B 177 18.75 14.95 -10.89
C VAL B 177 19.00 15.39 -9.45
N TYR B 178 20.18 15.96 -9.17
CA TYR B 178 20.48 16.39 -7.82
C TYR B 178 19.59 17.57 -7.39
N TYR B 179 19.51 18.61 -8.23
CA TYR B 179 18.71 19.77 -7.88
C TYR B 179 17.22 19.43 -7.90
N VAL B 180 16.79 18.64 -8.90
CA VAL B 180 15.41 18.19 -8.94
C VAL B 180 15.07 17.43 -7.66
N MET B 181 15.97 16.54 -7.24
CA MET B 181 15.78 15.80 -6.00
C MET B 181 15.65 16.74 -4.81
N LEU B 182 16.55 17.71 -4.71
CA LEU B 182 16.57 18.60 -3.56
C LEU B 182 15.28 19.41 -3.46
N ILE B 183 14.89 20.07 -4.55
CA ILE B 183 13.66 20.84 -4.53
C ILE B 183 12.43 19.94 -4.42
N LEU B 184 12.53 18.68 -4.84
CA LEU B 184 11.40 17.76 -4.71
C LEU B 184 11.18 17.37 -3.25
N CYS B 185 12.26 17.03 -2.54
CA CYS B 185 12.09 16.75 -1.12
C CYS B 185 11.70 18.01 -0.36
N THR B 186 12.14 19.18 -0.83
CA THR B 186 11.72 20.44 -0.23
C THR B 186 10.21 20.63 -0.35
N ALA B 187 9.67 20.41 -1.55
CA ALA B 187 8.22 20.49 -1.73
C ALA B 187 7.52 19.44 -0.89
N SER B 188 8.11 18.25 -0.78
CA SER B 188 7.51 17.18 0.03
C SER B 188 7.39 17.59 1.49
N ILE B 189 8.49 18.10 2.08
CA ILE B 189 8.43 18.46 3.49
C ILE B 189 7.52 19.66 3.69
N LEU B 190 7.52 20.61 2.74
CA LEU B 190 6.64 21.77 2.86
C LEU B 190 5.18 21.34 2.88
N ILE B 191 4.76 20.54 1.90
CA ILE B 191 3.38 20.08 1.86
C ILE B 191 3.09 19.21 3.08
N SER B 192 4.10 18.53 3.63
CA SER B 192 3.91 17.80 4.87
C SER B 192 3.56 18.74 6.02
N CYS B 193 4.27 19.86 6.13
CA CYS B 193 3.94 20.83 7.17
C CYS B 193 2.54 21.40 6.99
N CYS B 194 2.16 21.74 5.75
CA CYS B 194 0.81 22.27 5.53
C CYS B 194 -0.25 21.24 5.88
N ALA B 195 -0.07 20.00 5.43
CA ALA B 195 -1.04 18.95 5.74
C ALA B 195 -1.12 18.69 7.23
N SER B 196 0.02 18.73 7.92
CA SER B 196 0.01 18.52 9.37
C SER B 196 -0.68 19.67 10.09
N ALA B 197 -0.41 20.90 9.67
CA ALA B 197 -1.07 22.06 10.27
C ALA B 197 -2.56 22.07 10.01
N MET B 198 -3.01 21.41 8.95
CA MET B 198 -4.45 21.32 8.71
C MET B 198 -5.09 20.12 9.39
N TYR B 199 -4.33 19.03 9.59
CA TYR B 199 -4.89 17.84 10.24
C TYR B 199 -4.90 17.98 11.76
N THR B 200 -3.84 18.51 12.37
CA THR B 200 -3.70 18.48 13.82
C THR B 200 -4.86 19.16 14.54
N PRO B 201 -5.33 20.36 14.16
CA PRO B 201 -6.49 20.93 14.85
C PRO B 201 -7.79 20.18 14.58
N ILE B 202 -7.82 19.29 13.59
CA ILE B 202 -9.05 18.58 13.24
C ILE B 202 -9.00 17.16 13.77
N GLU B 203 -8.00 16.38 13.36
CA GLU B 203 -7.88 15.01 13.84
C GLU B 203 -7.53 14.96 15.32
N GLY B 204 -6.81 15.96 15.83
CA GLY B 204 -6.37 15.94 17.21
C GLY B 204 -5.12 15.13 17.45
N TRP B 205 -4.33 14.85 16.42
CA TRP B 205 -3.09 14.11 16.57
C TRP B 205 -1.98 15.02 17.09
N SER B 206 -0.75 14.54 17.05
CA SER B 206 0.42 15.34 17.33
C SER B 206 1.10 15.74 16.02
N TYR B 207 2.04 16.68 16.12
CA TYR B 207 2.75 17.13 14.93
C TYR B 207 3.60 16.02 14.34
N PHE B 208 4.35 15.30 15.17
CA PHE B 208 5.14 14.18 14.66
C PHE B 208 4.25 13.03 14.22
N ASP B 209 3.14 12.80 14.92
CA ASP B 209 2.19 11.79 14.49
C ASP B 209 1.60 12.13 13.14
N SER B 210 1.26 13.40 12.93
CA SER B 210 0.71 13.82 11.65
C SER B 210 1.75 13.74 10.54
N LEU B 211 3.00 14.07 10.85
CA LEU B 211 4.08 13.88 9.89
C LEU B 211 4.22 12.42 9.49
N TYR B 212 4.15 11.53 10.48
CA TYR B 212 4.27 10.10 10.19
C TYR B 212 3.10 9.61 9.34
N PHE B 213 1.89 10.07 9.65
CA PHE B 213 0.73 9.72 8.83
C PHE B 213 0.87 10.24 7.40
N CYS B 214 1.36 11.47 7.26
CA CYS B 214 1.56 12.04 5.92
C CYS B 214 2.57 11.23 5.13
N PHE B 215 3.68 10.83 5.77
CA PHE B 215 4.66 10.01 5.07
C PHE B 215 4.09 8.65 4.70
N VAL B 216 3.30 8.05 5.60
CA VAL B 216 2.73 6.73 5.30
C VAL B 216 1.75 6.81 4.15
N ALA B 217 0.88 7.82 4.15
CA ALA B 217 -0.13 7.94 3.11
C ALA B 217 0.48 8.34 1.77
N PHE B 218 1.44 9.26 1.80
CA PHE B 218 2.03 9.74 0.55
C PHE B 218 2.96 8.71 -0.08
N SER B 219 3.59 7.86 0.72
CA SER B 219 4.51 6.86 0.22
C SER B 219 3.82 5.56 -0.16
N THR B 220 2.51 5.60 -0.42
CA THR B 220 1.76 4.48 -0.98
C THR B 220 1.63 3.33 0.02
N ILE B 221 2.33 3.41 1.14
CA ILE B 221 2.30 2.32 2.13
C ILE B 221 0.90 2.13 2.68
N GLY B 222 0.35 3.17 3.30
CA GLY B 222 -1.00 3.11 3.84
C GLY B 222 -1.19 2.03 4.89
N PHE B 223 -0.58 2.23 6.06
CA PHE B 223 -0.69 1.24 7.12
C PHE B 223 -2.12 1.12 7.62
N GLY B 224 -2.81 2.24 7.79
CA GLY B 224 -4.15 2.24 8.33
C GLY B 224 -4.24 2.44 9.82
N ASP B 225 -3.12 2.42 10.54
CA ASP B 225 -3.15 2.69 11.97
C ASP B 225 -3.59 4.13 12.23
N LEU B 226 -3.09 5.07 11.43
CA LEU B 226 -3.57 6.45 11.42
C LEU B 226 -4.14 6.72 10.04
N VAL B 227 -5.41 7.10 10.00
CA VAL B 227 -6.13 7.29 8.75
C VAL B 227 -6.72 8.70 8.75
N SER B 228 -6.95 9.23 7.55
CA SER B 228 -7.45 10.59 7.40
C SER B 228 -8.92 10.68 7.78
N SER B 229 -9.58 11.77 7.38
CA SER B 229 -10.93 12.09 7.81
C SER B 229 -11.87 10.90 7.75
N GLN B 230 -12.32 10.44 8.92
CA GLN B 230 -13.24 9.31 9.02
C GLN B 230 -14.41 9.57 9.96
N ASN B 231 -14.37 10.61 10.78
CA ASN B 231 -15.45 10.87 11.72
C ASN B 231 -16.73 11.27 10.97
N ALA B 232 -17.86 11.04 11.63
CA ALA B 232 -19.15 11.31 11.00
C ALA B 232 -19.35 12.81 10.77
N HIS B 233 -18.88 13.64 11.69
CA HIS B 233 -19.09 15.07 11.62
C HIS B 233 -17.76 15.81 11.57
N TYR B 234 -17.66 16.77 10.64
CA TYR B 234 -16.53 17.67 10.55
C TYR B 234 -17.05 19.07 10.22
N GLU B 235 -16.36 20.08 10.74
CA GLU B 235 -16.71 21.46 10.42
C GLU B 235 -16.40 21.73 8.96
N SER B 236 -17.39 22.21 8.22
CA SER B 236 -17.29 22.40 6.77
C SER B 236 -16.91 21.09 6.09
N GLN B 237 -17.84 20.14 6.18
CA GLN B 237 -17.55 18.75 5.78
C GLN B 237 -17.13 18.67 4.33
N GLY B 238 -17.86 19.33 3.43
CA GLY B 238 -17.50 19.28 2.02
C GLY B 238 -16.17 19.92 1.72
N LEU B 239 -15.94 21.12 2.26
CA LEU B 239 -14.69 21.82 2.03
C LEU B 239 -13.52 21.04 2.64
N TYR B 240 -13.71 20.50 3.84
CA TYR B 240 -12.64 19.72 4.48
C TYR B 240 -12.35 18.45 3.69
N ARG B 241 -13.39 17.77 3.18
CA ARG B 241 -13.18 16.58 2.39
C ARG B 241 -12.43 16.90 1.10
N PHE B 242 -12.79 17.99 0.43
CA PHE B 242 -12.09 18.38 -0.79
C PHE B 242 -10.63 18.73 -0.49
N ALA B 243 -10.38 19.44 0.61
CA ALA B 243 -9.01 19.79 0.98
C ALA B 243 -8.20 18.54 1.29
N ASN B 244 -8.79 17.59 2.01
CA ASN B 244 -8.10 16.34 2.30
C ASN B 244 -7.78 15.58 1.03
N PHE B 245 -8.74 15.51 0.10
CA PHE B 245 -8.51 14.81 -1.16
C PHE B 245 -7.37 15.43 -1.94
N VAL B 246 -7.39 16.76 -2.11
CA VAL B 246 -6.37 17.41 -2.92
C VAL B 246 -5.01 17.33 -2.23
N PHE B 247 -4.98 17.43 -0.89
CA PHE B 247 -3.72 17.33 -0.17
C PHE B 247 -3.12 15.94 -0.31
N ILE B 248 -3.96 14.90 -0.17
CA ILE B 248 -3.47 13.53 -0.31
C ILE B 248 -2.95 13.30 -1.72
N LEU B 249 -3.70 13.78 -2.73
CA LEU B 249 -3.27 13.60 -4.11
C LEU B 249 -1.92 14.26 -4.36
N MET B 250 -1.79 15.52 -3.97
CA MET B 250 -0.53 16.24 -4.20
C MET B 250 0.61 15.60 -3.44
N GLY B 251 0.37 15.17 -2.20
CA GLY B 251 1.42 14.57 -1.42
C GLY B 251 1.90 13.25 -2.01
N VAL B 252 0.97 12.39 -2.40
CA VAL B 252 1.36 11.11 -2.97
C VAL B 252 2.06 11.31 -4.30
N CYS B 253 1.62 12.29 -5.09
CA CYS B 253 2.30 12.60 -6.36
C CYS B 253 3.73 13.03 -6.12
N CYS B 254 3.93 13.98 -5.20
CA CYS B 254 5.27 14.49 -4.93
C CYS B 254 6.16 13.41 -4.36
N ILE B 255 5.63 12.56 -3.47
CA ILE B 255 6.45 11.54 -2.85
C ILE B 255 6.82 10.45 -3.85
N TYR B 256 5.90 10.09 -4.75
CA TYR B 256 6.23 9.13 -5.79
C TYR B 256 7.29 9.69 -6.73
N SER B 257 7.17 10.97 -7.07
CA SER B 257 8.20 11.63 -7.88
C SER B 257 9.56 11.57 -7.20
N LEU B 258 9.60 11.91 -5.91
CA LEU B 258 10.84 11.85 -5.15
C LEU B 258 11.39 10.43 -5.11
N PHE B 259 10.51 9.44 -4.93
CA PHE B 259 10.93 8.06 -4.88
C PHE B 259 11.62 7.65 -6.19
N ASN B 260 11.01 7.97 -7.33
CA ASN B 260 11.62 7.62 -8.61
C ASN B 260 12.95 8.36 -8.81
N VAL B 261 12.99 9.65 -8.44
CA VAL B 261 14.19 10.44 -8.67
C VAL B 261 15.36 9.90 -7.84
N ILE B 262 15.13 9.65 -6.55
CA ILE B 262 16.21 9.10 -5.76
C ILE B 262 16.48 7.64 -6.13
N SER B 263 15.52 6.94 -6.74
CA SER B 263 15.81 5.61 -7.27
C SER B 263 16.88 5.69 -8.34
N ILE B 264 16.70 6.59 -9.31
CA ILE B 264 17.72 6.72 -10.35
C ILE B 264 19.03 7.26 -9.77
N LEU B 265 18.94 8.14 -8.76
CA LEU B 265 20.15 8.68 -8.15
C LEU B 265 20.95 7.59 -7.45
N ILE B 266 20.30 6.76 -6.64
CA ILE B 266 21.00 5.68 -5.96
C ILE B 266 21.43 4.58 -6.92
N LYS B 267 20.78 4.40 -8.08
CA LYS B 267 21.31 3.43 -9.01
C LYS B 267 22.55 3.96 -9.71
N GLN B 268 22.60 5.28 -9.96
CA GLN B 268 23.85 5.90 -10.39
C GLN B 268 24.95 5.67 -9.37
N SER B 269 24.65 5.93 -8.10
CA SER B 269 25.66 5.78 -7.06
C SER B 269 26.10 4.32 -6.92
N LEU B 270 25.16 3.40 -7.07
CA LEU B 270 25.48 1.98 -6.96
C LEU B 270 26.35 1.51 -8.13
N ASN B 271 26.06 2.00 -9.34
CA ASN B 271 26.92 1.71 -10.47
C ASN B 271 28.33 2.26 -10.21
N TRP B 272 28.41 3.47 -9.66
CA TRP B 272 29.72 4.06 -9.37
C TRP B 272 30.49 3.21 -8.37
N ILE B 273 29.86 2.82 -7.27
CA ILE B 273 30.57 2.06 -6.24
C ILE B 273 30.91 0.66 -6.74
N LEU B 274 30.06 0.07 -7.58
CA LEU B 274 30.39 -1.23 -8.16
C LEU B 274 31.56 -1.13 -9.13
N ARG B 275 31.62 -0.05 -9.90
CA ARG B 275 32.77 0.15 -10.77
C ARG B 275 34.05 0.30 -9.96
N LYS B 276 33.98 1.05 -8.85
CA LYS B 276 35.15 1.16 -7.98
C LYS B 276 35.56 -0.19 -7.43
N MET B 277 34.58 -0.99 -6.98
CA MET B 277 34.89 -2.29 -6.41
C MET B 277 35.50 -3.23 -7.44
N ASP B 278 34.99 -3.19 -8.67
CA ASP B 278 35.54 -4.04 -9.73
C ASP B 278 36.94 -3.58 -10.14
N SER B 279 37.18 -2.27 -10.13
CA SER B 279 38.50 -1.77 -10.54
C SER B 279 39.55 -2.03 -9.47
N GLY B 280 39.20 -1.80 -8.20
CA GLY B 280 40.14 -2.03 -7.11
C GLY B 280 40.33 -3.50 -6.82
N CYS B 281 39.26 -4.17 -6.41
CA CYS B 281 39.27 -5.63 -6.27
C CYS B 281 38.98 -6.21 -7.64
N CYS B 282 40.03 -6.54 -8.37
CA CYS B 282 39.91 -6.92 -9.77
C CYS B 282 39.59 -8.40 -9.95
N PRO B 283 39.78 -9.25 -8.91
CA PRO B 283 39.12 -10.53 -9.19
C PRO B 283 37.62 -10.47 -8.95
#